data_8ANK
# 
_entry.id   8ANK 
# 
_audit_conform.dict_name       mmcif_pdbx.dic 
_audit_conform.dict_version    5.398 
_audit_conform.dict_location   http://mmcif.pdb.org/dictionaries/ascii/mmcif_pdbx.dic 
# 
loop_
_database_2.database_id 
_database_2.database_code 
_database_2.pdbx_database_accession 
_database_2.pdbx_DOI 
PDB   8ANK         pdb_00008ank 10.2210/pdb8ank/pdb 
WWPDB D_1292124764 ?            ?                   
# 
loop_
_pdbx_audit_revision_history.ordinal 
_pdbx_audit_revision_history.data_content_type 
_pdbx_audit_revision_history.major_revision 
_pdbx_audit_revision_history.minor_revision 
_pdbx_audit_revision_history.revision_date 
1 'Structure model' 1 0 2023-08-02 
2 'Structure model' 1 1 2023-08-09 
3 'Structure model' 1 2 2024-11-06 
# 
_pdbx_audit_revision_details.ordinal             1 
_pdbx_audit_revision_details.revision_ordinal    1 
_pdbx_audit_revision_details.data_content_type   'Structure model' 
_pdbx_audit_revision_details.provider            repository 
_pdbx_audit_revision_details.type                'Initial release' 
_pdbx_audit_revision_details.description         ? 
_pdbx_audit_revision_details.details             ? 
# 
loop_
_pdbx_audit_revision_group.ordinal 
_pdbx_audit_revision_group.revision_ordinal 
_pdbx_audit_revision_group.data_content_type 
_pdbx_audit_revision_group.group 
1 2 'Structure model' 'Database references' 
2 3 'Structure model' 'Data collection'     
3 3 'Structure model' 'Structure summary'   
# 
loop_
_pdbx_audit_revision_category.ordinal 
_pdbx_audit_revision_category.revision_ordinal 
_pdbx_audit_revision_category.data_content_type 
_pdbx_audit_revision_category.category 
1 2 'Structure model' citation                  
2 2 'Structure model' citation_author           
3 3 'Structure model' chem_comp_atom            
4 3 'Structure model' chem_comp_bond            
5 3 'Structure model' pdbx_entry_details        
6 3 'Structure model' pdbx_modification_feature 
# 
loop_
_pdbx_audit_revision_item.ordinal 
_pdbx_audit_revision_item.revision_ordinal 
_pdbx_audit_revision_item.data_content_type 
_pdbx_audit_revision_item.item 
1  2 'Structure model' '_citation.country'                            
2  2 'Structure model' '_citation.journal_abbrev'                     
3  2 'Structure model' '_citation.journal_id_CSD'                     
4  2 'Structure model' '_citation.journal_id_ISSN'                    
5  2 'Structure model' '_citation.journal_volume'                     
6  2 'Structure model' '_citation.page_first'                         
7  2 'Structure model' '_citation.page_last'                          
8  2 'Structure model' '_citation.pdbx_database_id_DOI'               
9  2 'Structure model' '_citation.pdbx_database_id_PubMed'            
10 2 'Structure model' '_citation.title'                              
11 2 'Structure model' '_citation.year'                               
12 3 'Structure model' '_pdbx_entry_details.has_protein_modification' 
# 
_pdbx_database_status.status_code                     REL 
_pdbx_database_status.status_code_sf                  REL 
_pdbx_database_status.status_code_mr                  ? 
_pdbx_database_status.entry_id                        8ANK 
_pdbx_database_status.recvd_initial_deposition_date   2022-08-05 
_pdbx_database_status.SG_entry                        N 
_pdbx_database_status.deposit_site                    PDBE 
_pdbx_database_status.process_site                    PDBE 
_pdbx_database_status.status_code_cs                  ? 
_pdbx_database_status.status_code_nmr_data            ? 
_pdbx_database_status.methods_development_category    ? 
_pdbx_database_status.pdb_format_compatible           Y 
# 
_pdbx_contact_author.id                 2 
_pdbx_contact_author.email              perczel.andras@ttk.elte.hu 
_pdbx_contact_author.name_first         Andras 
_pdbx_contact_author.name_last          Perczel 
_pdbx_contact_author.name_mi            ? 
_pdbx_contact_author.role               'principal investigator/group leader' 
_pdbx_contact_author.identifier_ORCID   0000-0003-1252-6416 
# 
_audit_author.name               'Durvanger, Z.' 
_audit_author.pdbx_ordinal       1 
_audit_author.identifier_ORCID   0000-0002-2652-4916 
# 
_citation.abstract                  ? 
_citation.abstract_id_CAS           ? 
_citation.book_id_ISBN              ? 
_citation.book_publisher            ? 
_citation.book_publisher_city       ? 
_citation.book_title                ? 
_citation.coordinate_linkage        ? 
_citation.country                   UK 
_citation.database_id_Medline       ? 
_citation.details                   ? 
_citation.id                        primary 
_citation.journal_abbrev            'Nat Commun' 
_citation.journal_id_ASTM           ? 
_citation.journal_id_CSD            ? 
_citation.journal_id_ISSN           2041-1723 
_citation.journal_full              ? 
_citation.journal_issue             ? 
_citation.journal_volume            14 
_citation.language                  ? 
_citation.page_first                4621 
_citation.page_last                 4621 
_citation.title                     
'Polymorphic amyloid nanostructures of hormone peptides involved in glucose homeostasis display reversible amyloid formation.' 
_citation.year                      2023 
_citation.database_id_CSD           ? 
_citation.pdbx_database_id_DOI      10.1038/s41467-023-40294-x 
_citation.pdbx_database_id_PubMed   37528104 
_citation.pdbx_database_id_patent   ? 
_citation.unpublished_flag          ? 
# 
loop_
_citation_author.citation_id 
_citation_author.name 
_citation_author.ordinal 
_citation_author.identifier_ORCID 
primary 'Horvath, D.'      1 0000-0001-8239-3933 
primary 'Durvanger, Z.'    2 0000-0002-2652-4916 
primary 'K Menyhard, D.'   3 0000-0002-0095-5531 
primary 'Sulyok-Eiler, M.' 4 ?                   
primary 'Bencs, F.'        5 0009-0003-9246-2228 
primary 'Gyulai, G.'       6 0000-0002-1352-2014 
primary 'Horvath, P.'      7 0000-0001-7149-4173 
primary 'Taricska, N.'     8 ?                   
primary 'Perczel, A.'      9 0000-0003-1252-6416 
# 
loop_
_entity.id 
_entity.type 
_entity.src_method 
_entity.pdbx_description 
_entity.formula_weight 
_entity.pdbx_number_of_molecules 
_entity.pdbx_ec 
_entity.pdbx_mutation 
_entity.pdbx_fragment 
_entity.details 
1 polymer syn 'Peptide pEFIAWL from hGLP-1' 759.891 1 ? ? ? ? 
2 water   nat water                         18.015  2 ? ? ? ? 
# 
_entity_poly.entity_id                      1 
_entity_poly.type                           'polypeptide(L)' 
_entity_poly.nstd_linkage                   no 
_entity_poly.nstd_monomer                   yes 
_entity_poly.pdbx_seq_one_letter_code       '(PCA)FIAWL' 
_entity_poly.pdbx_seq_one_letter_code_can   QFIAWL 
_entity_poly.pdbx_strand_id                 A 
_entity_poly.pdbx_target_identifier         ? 
# 
_pdbx_entity_nonpoly.entity_id   2 
_pdbx_entity_nonpoly.name        water 
_pdbx_entity_nonpoly.comp_id     HOH 
# 
loop_
_entity_poly_seq.entity_id 
_entity_poly_seq.num 
_entity_poly_seq.mon_id 
_entity_poly_seq.hetero 
1 1 PCA n 
1 2 PHE n 
1 3 ILE n 
1 4 ALA n 
1 5 TRP n 
1 6 LEU n 
# 
_pdbx_entity_src_syn.entity_id              1 
_pdbx_entity_src_syn.pdbx_src_id            1 
_pdbx_entity_src_syn.pdbx_alt_source_flag   sample 
_pdbx_entity_src_syn.pdbx_beg_seq_num       1 
_pdbx_entity_src_syn.pdbx_end_seq_num       6 
_pdbx_entity_src_syn.organism_scientific    'synthetic construct' 
_pdbx_entity_src_syn.organism_common_name   ? 
_pdbx_entity_src_syn.ncbi_taxonomy_id       32630 
_pdbx_entity_src_syn.details                ? 
# 
loop_
_chem_comp.id 
_chem_comp.type 
_chem_comp.mon_nstd_flag 
_chem_comp.name 
_chem_comp.pdbx_synonyms 
_chem_comp.formula 
_chem_comp.formula_weight 
ALA 'L-peptide linking' y ALANINE             ? 'C3 H7 N O2'    89.093  
HOH non-polymer         . WATER               ? 'H2 O'          18.015  
ILE 'L-peptide linking' y ISOLEUCINE          ? 'C6 H13 N O2'   131.173 
LEU 'L-peptide linking' y LEUCINE             ? 'C6 H13 N O2'   131.173 
PCA 'L-peptide linking' n 'PYROGLUTAMIC ACID' ? 'C5 H7 N O3'    129.114 
PHE 'L-peptide linking' y PHENYLALANINE       ? 'C9 H11 N O2'   165.189 
TRP 'L-peptide linking' y TRYPTOPHAN          ? 'C11 H12 N2 O2' 204.225 
# 
loop_
_pdbx_poly_seq_scheme.asym_id 
_pdbx_poly_seq_scheme.entity_id 
_pdbx_poly_seq_scheme.seq_id 
_pdbx_poly_seq_scheme.mon_id 
_pdbx_poly_seq_scheme.ndb_seq_num 
_pdbx_poly_seq_scheme.pdb_seq_num 
_pdbx_poly_seq_scheme.auth_seq_num 
_pdbx_poly_seq_scheme.pdb_mon_id 
_pdbx_poly_seq_scheme.auth_mon_id 
_pdbx_poly_seq_scheme.pdb_strand_id 
_pdbx_poly_seq_scheme.pdb_ins_code 
_pdbx_poly_seq_scheme.hetero 
A 1 1 PCA 1 1 1 PCA PCA A . n 
A 1 2 PHE 2 2 2 PHE PHE A . n 
A 1 3 ILE 3 3 3 ILE ILE A . n 
A 1 4 ALA 4 4 4 ALA ALA A . n 
A 1 5 TRP 5 5 5 TRP TRP A . n 
A 1 6 LEU 6 6 6 LEU LEU A . n 
# 
loop_
_pdbx_nonpoly_scheme.asym_id 
_pdbx_nonpoly_scheme.entity_id 
_pdbx_nonpoly_scheme.mon_id 
_pdbx_nonpoly_scheme.ndb_seq_num 
_pdbx_nonpoly_scheme.pdb_seq_num 
_pdbx_nonpoly_scheme.auth_seq_num 
_pdbx_nonpoly_scheme.pdb_mon_id 
_pdbx_nonpoly_scheme.auth_mon_id 
_pdbx_nonpoly_scheme.pdb_strand_id 
_pdbx_nonpoly_scheme.pdb_ins_code 
B 2 HOH 1 101 2 HOH HOH A . 
B 2 HOH 2 102 1 HOH HOH A . 
# 
loop_
_software.citation_id 
_software.classification 
_software.compiler_name 
_software.compiler_version 
_software.contact_author 
_software.contact_author_email 
_software.date 
_software.description 
_software.dependencies 
_software.hardware 
_software.language 
_software.location 
_software.mods 
_software.name 
_software.os 
_software.os_version 
_software.type 
_software.version 
_software.pdbx_ordinal 
? refinement       ? ? ? ? ? ? ? ? ? ? ? PHENIX      ? ? ? 1.20.1_4487 1 
? 'data reduction' ? ? ? ? ? ? ? ? ? ? ? CrysalisPro ? ? ? .           2 
? 'data scaling'   ? ? ? ? ? ? ? ? ? ? ? CrysalisPro ? ? ? .           3 
? phasing          ? ? ? ? ? ? ? ? ? ? ? Fragon      ? ? ? .           4 
# 
_cell.angle_alpha                  90.000 
_cell.angle_alpha_esd              ? 
_cell.angle_beta                   92.740 
_cell.angle_beta_esd               ? 
_cell.angle_gamma                  90.000 
_cell.angle_gamma_esd              ? 
_cell.entry_id                     8ANK 
_cell.details                      ? 
_cell.formula_units_Z              ? 
_cell.length_a                     20.710 
_cell.length_a_esd                 ? 
_cell.length_b                     9.545 
_cell.length_b_esd                 ? 
_cell.length_c                     22.396 
_cell.length_c_esd                 ? 
_cell.volume                       4422.112 
_cell.volume_esd                   ? 
_cell.Z_PDB                        4 
_cell.reciprocal_angle_alpha       ? 
_cell.reciprocal_angle_beta        ? 
_cell.reciprocal_angle_gamma       ? 
_cell.reciprocal_angle_alpha_esd   ? 
_cell.reciprocal_angle_beta_esd    ? 
_cell.reciprocal_angle_gamma_esd   ? 
_cell.reciprocal_length_a          ? 
_cell.reciprocal_length_b          ? 
_cell.reciprocal_length_c          ? 
_cell.reciprocal_length_a_esd      ? 
_cell.reciprocal_length_b_esd      ? 
_cell.reciprocal_length_c_esd      ? 
_cell.pdbx_unique_axis             ? 
_cell.pdbx_esd_method              ? 
# 
_symmetry.entry_id                         8ANK 
_symmetry.cell_setting                     ? 
_symmetry.Int_Tables_number                5 
_symmetry.space_group_name_Hall            'C 2y' 
_symmetry.space_group_name_H-M             'C 1 2 1' 
_symmetry.pdbx_full_space_group_name_H-M   ? 
# 
_exptl.absorpt_coefficient_mu     ? 
_exptl.absorpt_correction_T_max   ? 
_exptl.absorpt_correction_T_min   ? 
_exptl.absorpt_correction_type    ? 
_exptl.absorpt_process_details    ? 
_exptl.entry_id                   8ANK 
_exptl.crystals_number            1 
_exptl.details                    ? 
_exptl.method                     'X-RAY DIFFRACTION' 
_exptl.method_details             ? 
# 
_exptl_crystal.colour                       ? 
_exptl_crystal.density_diffrn               ? 
_exptl_crystal.density_Matthews             1.45 
_exptl_crystal.density_method               ? 
_exptl_crystal.density_percent_sol          15.46 
_exptl_crystal.description                  ? 
_exptl_crystal.F_000                        ? 
_exptl_crystal.id                           1 
_exptl_crystal.preparation                  ? 
_exptl_crystal.size_max                     ? 
_exptl_crystal.size_mid                     ? 
_exptl_crystal.size_min                     ? 
_exptl_crystal.size_rad                     ? 
_exptl_crystal.colour_lustre                ? 
_exptl_crystal.colour_modifier              ? 
_exptl_crystal.colour_primary               ? 
_exptl_crystal.density_meas                 ? 
_exptl_crystal.density_meas_esd             ? 
_exptl_crystal.density_meas_gt              ? 
_exptl_crystal.density_meas_lt              ? 
_exptl_crystal.density_meas_temp            ? 
_exptl_crystal.density_meas_temp_esd        ? 
_exptl_crystal.density_meas_temp_gt         ? 
_exptl_crystal.density_meas_temp_lt         ? 
_exptl_crystal.pdbx_crystal_image_url       ? 
_exptl_crystal.pdbx_crystal_image_format    ? 
_exptl_crystal.pdbx_mosaicity               ? 
_exptl_crystal.pdbx_mosaicity_esd           ? 
_exptl_crystal.pdbx_mosaic_method           ? 
_exptl_crystal.pdbx_mosaic_block_size       ? 
_exptl_crystal.pdbx_mosaic_block_size_esd   ? 
# 
_exptl_crystal_grow.apparatus       ? 
_exptl_crystal_grow.atmosphere      ? 
_exptl_crystal_grow.crystal_id      1 
_exptl_crystal_grow.details         ? 
_exptl_crystal_grow.method          'EVAPORATION, RECRYSTALLIZATION' 
_exptl_crystal_grow.method_ref      ? 
_exptl_crystal_grow.pH              ? 
_exptl_crystal_grow.pressure        ? 
_exptl_crystal_grow.pressure_esd    ? 
_exptl_crystal_grow.seeding         ? 
_exptl_crystal_grow.seeding_ref     ? 
_exptl_crystal_grow.temp            310 
_exptl_crystal_grow.temp_details    ? 
_exptl_crystal_grow.temp_esd        ? 
_exptl_crystal_grow.time            ? 
_exptl_crystal_grow.pdbx_details    
;EFIAWL was dissolved in 0.15 - 0.5 mg/ml concentration in a solution containing 30 % acetonitrile and 0.1 % TFA and incubated at 310K for several weeks.
;
_exptl_crystal_grow.pdbx_pH_range   ? 
# 
_diffrn.ambient_environment              ? 
_diffrn.ambient_temp                     100 
_diffrn.ambient_temp_details             ? 
_diffrn.ambient_temp_esd                 ? 
_diffrn.crystal_id                       1 
_diffrn.crystal_support                  ? 
_diffrn.crystal_treatment                ? 
_diffrn.details                          ? 
_diffrn.id                               1 
_diffrn.ambient_pressure                 ? 
_diffrn.ambient_pressure_esd             ? 
_diffrn.ambient_pressure_gt              ? 
_diffrn.ambient_pressure_lt              ? 
_diffrn.ambient_temp_gt                  ? 
_diffrn.ambient_temp_lt                  ? 
_diffrn.pdbx_serial_crystal_experiment   N 
# 
_diffrn_detector.details                      ? 
_diffrn_detector.detector                     PIXEL 
_diffrn_detector.diffrn_id                    1 
_diffrn_detector.type                         'RIGAKU HyPix-6000HE' 
_diffrn_detector.area_resol_mean              ? 
_diffrn_detector.dtime                        ? 
_diffrn_detector.pdbx_frames_total            ? 
_diffrn_detector.pdbx_collection_time_total   ? 
_diffrn_detector.pdbx_collection_date         2021-07-29 
_diffrn_detector.pdbx_frequency               ? 
# 
_diffrn_radiation.collimation                      ? 
_diffrn_radiation.diffrn_id                        1 
_diffrn_radiation.filter_edge                      ? 
_diffrn_radiation.inhomogeneity                    ? 
_diffrn_radiation.monochromator                    ? 
_diffrn_radiation.polarisn_norm                    ? 
_diffrn_radiation.polarisn_ratio                   ? 
_diffrn_radiation.probe                            ? 
_diffrn_radiation.type                             ? 
_diffrn_radiation.xray_symbol                      ? 
_diffrn_radiation.wavelength_id                    1 
_diffrn_radiation.pdbx_monochromatic_or_laue_m_l   M 
_diffrn_radiation.pdbx_wavelength_list             ? 
_diffrn_radiation.pdbx_wavelength                  ? 
_diffrn_radiation.pdbx_diffrn_protocol             'SINGLE WAVELENGTH' 
_diffrn_radiation.pdbx_analyzer                    ? 
_diffrn_radiation.pdbx_scattering_type             x-ray 
# 
_diffrn_radiation_wavelength.id           1 
_diffrn_radiation_wavelength.wavelength   1.54184 
_diffrn_radiation_wavelength.wt           1.0 
# 
_diffrn_source.current                     ? 
_diffrn_source.details                     ? 
_diffrn_source.diffrn_id                   1 
_diffrn_source.power                       ? 
_diffrn_source.size                        ? 
_diffrn_source.source                      'ROTATING ANODE' 
_diffrn_source.target                      ? 
_diffrn_source.type                        'RIGAKU PhotonJet-R' 
_diffrn_source.voltage                     ? 
_diffrn_source.take-off_angle              ? 
_diffrn_source.pdbx_wavelength_list        1.54184 
_diffrn_source.pdbx_wavelength             ? 
_diffrn_source.pdbx_synchrotron_beamline   ? 
_diffrn_source.pdbx_synchrotron_site       ? 
# 
_reflns.B_iso_Wilson_estimate                          5.48 
_reflns.entry_id                                       8ANK 
_reflns.data_reduction_details                         ? 
_reflns.data_reduction_method                          ? 
_reflns.d_resolution_high                              1.30 
_reflns.d_resolution_low                               11.19 
_reflns.details                                        ? 
_reflns.limit_h_max                                    ? 
_reflns.limit_h_min                                    ? 
_reflns.limit_k_max                                    ? 
_reflns.limit_k_min                                    ? 
_reflns.limit_l_max                                    ? 
_reflns.limit_l_min                                    ? 
_reflns.number_all                                     ? 
_reflns.number_obs                                     1157 
_reflns.observed_criterion                             ? 
_reflns.observed_criterion_F_max                       ? 
_reflns.observed_criterion_F_min                       ? 
_reflns.observed_criterion_I_max                       ? 
_reflns.observed_criterion_I_min                       ? 
_reflns.observed_criterion_sigma_F                     ? 
_reflns.observed_criterion_sigma_I                     ? 
_reflns.percent_possible_obs                           99.83 
_reflns.R_free_details                                 ? 
_reflns.Rmerge_F_all                                   ? 
_reflns.Rmerge_F_obs                                   ? 
_reflns.Friedel_coverage                               ? 
_reflns.number_gt                                      ? 
_reflns.threshold_expression                           ? 
_reflns.pdbx_redundancy                                4.78 
_reflns.pdbx_Rmerge_I_obs                              ? 
_reflns.pdbx_Rmerge_I_all                              ? 
_reflns.pdbx_Rsym_value                                ? 
_reflns.pdbx_netI_over_av_sigmaI                       ? 
_reflns.pdbx_netI_over_sigmaI                          13.6 
_reflns.pdbx_res_netI_over_av_sigmaI_2                 ? 
_reflns.pdbx_res_netI_over_sigmaI_2                    ? 
_reflns.pdbx_chi_squared                               ? 
_reflns.pdbx_scaling_rejects                           ? 
_reflns.pdbx_d_res_high_opt                            ? 
_reflns.pdbx_d_res_low_opt                             ? 
_reflns.pdbx_d_res_opt_method                          ? 
_reflns.phase_calculation_details                      ? 
_reflns.pdbx_Rrim_I_all                                0.106 
_reflns.pdbx_Rpim_I_all                                ? 
_reflns.pdbx_d_opt                                     ? 
_reflns.pdbx_number_measured_all                       ? 
_reflns.pdbx_diffrn_id                                 1 
_reflns.pdbx_ordinal                                   1 
_reflns.pdbx_CC_half                                   0.995 
_reflns.pdbx_CC_star                                   ? 
_reflns.pdbx_R_split                                   ? 
_reflns.pdbx_aniso_diffraction_limit_axis_1_ortho[1]   ? 
_reflns.pdbx_aniso_diffraction_limit_axis_1_ortho[2]   ? 
_reflns.pdbx_aniso_diffraction_limit_axis_1_ortho[3]   ? 
_reflns.pdbx_aniso_diffraction_limit_axis_2_ortho[1]   ? 
_reflns.pdbx_aniso_diffraction_limit_axis_2_ortho[2]   ? 
_reflns.pdbx_aniso_diffraction_limit_axis_2_ortho[3]   ? 
_reflns.pdbx_aniso_diffraction_limit_axis_3_ortho[1]   ? 
_reflns.pdbx_aniso_diffraction_limit_axis_3_ortho[2]   ? 
_reflns.pdbx_aniso_diffraction_limit_axis_3_ortho[3]   ? 
_reflns.pdbx_aniso_diffraction_limit_1                 ? 
_reflns.pdbx_aniso_diffraction_limit_2                 ? 
_reflns.pdbx_aniso_diffraction_limit_3                 ? 
_reflns.pdbx_aniso_B_tensor_eigenvector_1_ortho[1]     ? 
_reflns.pdbx_aniso_B_tensor_eigenvector_1_ortho[2]     ? 
_reflns.pdbx_aniso_B_tensor_eigenvector_1_ortho[3]     ? 
_reflns.pdbx_aniso_B_tensor_eigenvector_2_ortho[1]     ? 
_reflns.pdbx_aniso_B_tensor_eigenvector_2_ortho[2]     ? 
_reflns.pdbx_aniso_B_tensor_eigenvector_2_ortho[3]     ? 
_reflns.pdbx_aniso_B_tensor_eigenvector_3_ortho[1]     ? 
_reflns.pdbx_aniso_B_tensor_eigenvector_3_ortho[2]     ? 
_reflns.pdbx_aniso_B_tensor_eigenvector_3_ortho[3]     ? 
_reflns.pdbx_aniso_B_tensor_eigenvalue_1               ? 
_reflns.pdbx_aniso_B_tensor_eigenvalue_2               ? 
_reflns.pdbx_aniso_B_tensor_eigenvalue_3               ? 
_reflns.pdbx_orthogonalization_convention              ? 
_reflns.pdbx_percent_possible_ellipsoidal              ? 
_reflns.pdbx_percent_possible_spherical                ? 
_reflns.pdbx_percent_possible_ellipsoidal_anomalous    ? 
_reflns.pdbx_percent_possible_spherical_anomalous      ? 
_reflns.pdbx_redundancy_anomalous                      ? 
_reflns.pdbx_CC_half_anomalous                         ? 
_reflns.pdbx_absDiff_over_sigma_anomalous              ? 
_reflns.pdbx_percent_possible_anomalous                ? 
_reflns.pdbx_observed_signal_threshold                 ? 
_reflns.pdbx_signal_type                               ? 
_reflns.pdbx_signal_details                            ? 
_reflns.pdbx_signal_software_id                        ? 
_reflns.pdbx_CC_split_method                           ? 
# 
_reflns_shell.d_res_high                                    1.30 
_reflns_shell.d_res_low                                     1.35 
_reflns_shell.meanI_over_sigI_all                           ? 
_reflns_shell.meanI_over_sigI_obs                           3.9 
_reflns_shell.number_measured_all                           ? 
_reflns_shell.number_measured_obs                           ? 
_reflns_shell.number_possible                               ? 
_reflns_shell.number_unique_all                             ? 
_reflns_shell.number_unique_obs                             114 
_reflns_shell.percent_possible_all                          99.13 
_reflns_shell.percent_possible_obs                          ? 
_reflns_shell.Rmerge_F_all                                  ? 
_reflns_shell.Rmerge_F_obs                                  ? 
_reflns_shell.Rmerge_I_all                                  ? 
_reflns_shell.Rmerge_I_obs                                  ? 
_reflns_shell.meanI_over_sigI_gt                            ? 
_reflns_shell.meanI_over_uI_all                             ? 
_reflns_shell.meanI_over_uI_gt                              ? 
_reflns_shell.number_measured_gt                            ? 
_reflns_shell.number_unique_gt                              ? 
_reflns_shell.percent_possible_gt                           ? 
_reflns_shell.Rmerge_F_gt                                   ? 
_reflns_shell.Rmerge_I_gt                                   ? 
_reflns_shell.pdbx_redundancy                               ? 
_reflns_shell.pdbx_Rsym_value                               ? 
_reflns_shell.pdbx_chi_squared                              ? 
_reflns_shell.pdbx_netI_over_sigmaI_all                     ? 
_reflns_shell.pdbx_netI_over_sigmaI_obs                     ? 
_reflns_shell.pdbx_Rrim_I_all                               0.331 
_reflns_shell.pdbx_Rpim_I_all                               ? 
_reflns_shell.pdbx_rejects                                  ? 
_reflns_shell.pdbx_ordinal                                  1 
_reflns_shell.pdbx_diffrn_id                                1 
_reflns_shell.pdbx_CC_half                                  0.893 
_reflns_shell.pdbx_CC_star                                  ? 
_reflns_shell.pdbx_R_split                                  ? 
_reflns_shell.pdbx_percent_possible_ellipsoidal             ? 
_reflns_shell.pdbx_percent_possible_spherical               ? 
_reflns_shell.pdbx_percent_possible_ellipsoidal_anomalous   ? 
_reflns_shell.pdbx_percent_possible_spherical_anomalous     ? 
_reflns_shell.pdbx_redundancy_anomalous                     ? 
_reflns_shell.pdbx_CC_half_anomalous                        ? 
_reflns_shell.pdbx_absDiff_over_sigma_anomalous             ? 
_reflns_shell.pdbx_percent_possible_anomalous               ? 
# 
_refine.aniso_B[1][1]                            ? 
_refine.aniso_B[1][2]                            ? 
_refine.aniso_B[1][3]                            ? 
_refine.aniso_B[2][2]                            ? 
_refine.aniso_B[2][3]                            ? 
_refine.aniso_B[3][3]                            ? 
_refine.B_iso_max                                ? 
_refine.B_iso_mean                               5.34 
_refine.B_iso_min                                ? 
_refine.correlation_coeff_Fo_to_Fc               ? 
_refine.correlation_coeff_Fo_to_Fc_free          ? 
_refine.details                                  ? 
_refine.diff_density_max                         ? 
_refine.diff_density_max_esd                     ? 
_refine.diff_density_min                         ? 
_refine.diff_density_min_esd                     ? 
_refine.diff_density_rms                         ? 
_refine.diff_density_rms_esd                     ? 
_refine.entry_id                                 8ANK 
_refine.pdbx_refine_id                           'X-RAY DIFFRACTION' 
_refine.ls_abs_structure_details                 ? 
_refine.ls_abs_structure_Flack                   ? 
_refine.ls_abs_structure_Flack_esd               ? 
_refine.ls_abs_structure_Rogers                  ? 
_refine.ls_abs_structure_Rogers_esd              ? 
_refine.ls_d_res_high                            1.30 
_refine.ls_d_res_low                             11.19 
_refine.ls_extinction_coef                       ? 
_refine.ls_extinction_coef_esd                   ? 
_refine.ls_extinction_expression                 ? 
_refine.ls_extinction_method                     ? 
_refine.ls_goodness_of_fit_all                   ? 
_refine.ls_goodness_of_fit_all_esd               ? 
_refine.ls_goodness_of_fit_obs                   ? 
_refine.ls_goodness_of_fit_obs_esd               ? 
_refine.ls_hydrogen_treatment                    ? 
_refine.ls_matrix_type                           ? 
_refine.ls_number_constraints                    ? 
_refine.ls_number_parameters                     ? 
_refine.ls_number_reflns_all                     ? 
_refine.ls_number_reflns_obs                     1153 
_refine.ls_number_reflns_R_free                  121 
_refine.ls_number_reflns_R_work                  1032 
_refine.ls_number_restraints                     ? 
_refine.ls_percent_reflns_obs                    99.48 
_refine.ls_percent_reflns_R_free                 10.49 
_refine.ls_R_factor_all                          ? 
_refine.ls_R_factor_obs                          0.1039 
_refine.ls_R_factor_R_free                       0.1298 
_refine.ls_R_factor_R_free_error                 ? 
_refine.ls_R_factor_R_free_error_details         ? 
_refine.ls_R_factor_R_work                       0.1013 
_refine.ls_R_Fsqd_factor_obs                     ? 
_refine.ls_R_I_factor_obs                        ? 
_refine.ls_redundancy_reflns_all                 ? 
_refine.ls_redundancy_reflns_obs                 ? 
_refine.ls_restrained_S_all                      ? 
_refine.ls_restrained_S_obs                      ? 
_refine.ls_shift_over_esd_max                    ? 
_refine.ls_shift_over_esd_mean                   ? 
_refine.ls_structure_factor_coef                 ? 
_refine.ls_weighting_details                     ? 
_refine.ls_weighting_scheme                      ? 
_refine.ls_wR_factor_all                         ? 
_refine.ls_wR_factor_obs                         ? 
_refine.ls_wR_factor_R_free                      ? 
_refine.ls_wR_factor_R_work                      ? 
_refine.occupancy_max                            ? 
_refine.occupancy_min                            ? 
_refine.solvent_model_details                    'FLAT BULK SOLVENT MODEL' 
_refine.solvent_model_param_bsol                 ? 
_refine.solvent_model_param_ksol                 ? 
_refine.pdbx_R_complete                          ? 
_refine.ls_R_factor_gt                           ? 
_refine.ls_goodness_of_fit_gt                    ? 
_refine.ls_goodness_of_fit_ref                   ? 
_refine.ls_shift_over_su_max                     ? 
_refine.ls_shift_over_su_max_lt                  ? 
_refine.ls_shift_over_su_mean                    ? 
_refine.ls_shift_over_su_mean_lt                 ? 
_refine.pdbx_ls_sigma_I                          ? 
_refine.pdbx_ls_sigma_F                          1.42 
_refine.pdbx_ls_sigma_Fsqd                       ? 
_refine.pdbx_data_cutoff_high_absF               ? 
_refine.pdbx_data_cutoff_high_rms_absF           ? 
_refine.pdbx_data_cutoff_low_absF                ? 
_refine.pdbx_isotropic_thermal_model             ? 
_refine.pdbx_ls_cross_valid_method               'FREE R-VALUE' 
_refine.pdbx_method_to_determine_struct          'MOLECULAR REPLACEMENT' 
_refine.pdbx_starting_model                      'ideal 5 residue beta strand form the software Fragon' 
_refine.pdbx_stereochemistry_target_values       'GeoStd + Monomer Library + CDL v1.2' 
_refine.pdbx_R_Free_selection_details            ? 
_refine.pdbx_stereochem_target_val_spec_case     ? 
_refine.pdbx_overall_ESU_R                       ? 
_refine.pdbx_overall_ESU_R_Free                  ? 
_refine.pdbx_solvent_vdw_probe_radii             1.1100 
_refine.pdbx_solvent_ion_probe_radii             ? 
_refine.pdbx_solvent_shrinkage_radii             0.9000 
_refine.pdbx_real_space_R                        ? 
_refine.pdbx_density_correlation                 ? 
_refine.pdbx_pd_number_of_powder_patterns        ? 
_refine.pdbx_pd_number_of_points                 ? 
_refine.pdbx_pd_meas_number_of_points            ? 
_refine.pdbx_pd_proc_ls_prof_R_factor            ? 
_refine.pdbx_pd_proc_ls_prof_wR_factor           ? 
_refine.pdbx_pd_Marquardt_correlation_coeff      ? 
_refine.pdbx_pd_Fsqrd_R_factor                   ? 
_refine.pdbx_pd_ls_matrix_band_width             ? 
_refine.pdbx_overall_phase_error                 10.9139 
_refine.pdbx_overall_SU_R_free_Cruickshank_DPI   ? 
_refine.pdbx_overall_SU_R_free_Blow_DPI          ? 
_refine.pdbx_overall_SU_R_Blow_DPI               ? 
_refine.pdbx_TLS_residual_ADP_flag               ? 
_refine.pdbx_diffrn_id                           1 
_refine.overall_SU_B                             ? 
_refine.overall_SU_ML                            0.0624 
_refine.overall_SU_R_Cruickshank_DPI             ? 
_refine.overall_SU_R_free                        ? 
_refine.overall_FOM_free_R_set                   ? 
_refine.overall_FOM_work_R_set                   ? 
_refine.pdbx_average_fsc_overall                 ? 
_refine.pdbx_average_fsc_work                    ? 
_refine.pdbx_average_fsc_free                    ? 
# 
_refine_hist.pdbx_refine_id                   'X-RAY DIFFRACTION' 
_refine_hist.cycle_id                         LAST 
_refine_hist.details                          ? 
_refine_hist.d_res_high                       1.30 
_refine_hist.d_res_low                        11.19 
_refine_hist.number_atoms_solvent             2 
_refine_hist.number_atoms_total               57 
_refine_hist.number_reflns_all                ? 
_refine_hist.number_reflns_obs                ? 
_refine_hist.number_reflns_R_free             ? 
_refine_hist.number_reflns_R_work             ? 
_refine_hist.R_factor_all                     ? 
_refine_hist.R_factor_obs                     ? 
_refine_hist.R_factor_R_free                  ? 
_refine_hist.R_factor_R_work                  ? 
_refine_hist.pdbx_number_residues_total       ? 
_refine_hist.pdbx_B_iso_mean_ligand           ? 
_refine_hist.pdbx_B_iso_mean_solvent          ? 
_refine_hist.pdbx_number_atoms_protein        55 
_refine_hist.pdbx_number_atoms_nucleic_acid   0 
_refine_hist.pdbx_number_atoms_ligand         0 
_refine_hist.pdbx_number_atoms_lipid          ? 
_refine_hist.pdbx_number_atoms_carb           ? 
_refine_hist.pdbx_pseudo_atom_details         ? 
# 
loop_
_refine_ls_restr.pdbx_refine_id 
_refine_ls_restr.criterion 
_refine_ls_restr.dev_ideal 
_refine_ls_restr.dev_ideal_target 
_refine_ls_restr.number 
_refine_ls_restr.rejects 
_refine_ls_restr.type 
_refine_ls_restr.weight 
_refine_ls_restr.pdbx_restraint_function 
'X-RAY DIFFRACTION' ? 0.0146  ? 58 ? f_bond_d           ? ? 
'X-RAY DIFFRACTION' ? 1.9108  ? 80 ? f_angle_d          ? ? 
'X-RAY DIFFRACTION' ? 0.1116  ? 8  ? f_chiral_restr     ? ? 
'X-RAY DIFFRACTION' ? 0.0090  ? 9  ? f_plane_restr      ? ? 
'X-RAY DIFFRACTION' ? 22.7172 ? 18 ? f_dihedral_angle_d ? ? 
# 
_refine_ls_shell.pdbx_refine_id                   'X-RAY DIFFRACTION' 
_refine_ls_shell.d_res_high                       1.30 
_refine_ls_shell.d_res_low                        11.19 
_refine_ls_shell.number_reflns_all                ? 
_refine_ls_shell.number_reflns_obs                ? 
_refine_ls_shell.number_reflns_R_free             121 
_refine_ls_shell.number_reflns_R_work             1032 
_refine_ls_shell.percent_reflns_obs               99.48 
_refine_ls_shell.percent_reflns_R_free            ? 
_refine_ls_shell.R_factor_all                     ? 
_refine_ls_shell.R_factor_obs                     ? 
_refine_ls_shell.R_factor_R_free                  0.1298 
_refine_ls_shell.R_factor_R_free_error            ? 
_refine_ls_shell.R_factor_R_work                  0.1013 
_refine_ls_shell.redundancy_reflns_all            ? 
_refine_ls_shell.redundancy_reflns_obs            ? 
_refine_ls_shell.wR_factor_all                    ? 
_refine_ls_shell.wR_factor_obs                    ? 
_refine_ls_shell.wR_factor_R_free                 ? 
_refine_ls_shell.wR_factor_R_work                 ? 
_refine_ls_shell.pdbx_R_complete                  ? 
_refine_ls_shell.pdbx_total_number_of_bins_used   ? 
_refine_ls_shell.pdbx_phase_error                 ? 
_refine_ls_shell.pdbx_fsc_work                    ? 
_refine_ls_shell.pdbx_fsc_free                    ? 
# 
_struct.entry_id                     8ANK 
_struct.title                        'Structure of the amyloid-forming peptide pEFIAWL from human GLP-1' 
_struct.pdbx_model_details           ? 
_struct.pdbx_formula_weight          ? 
_struct.pdbx_formula_weight_method   ? 
_struct.pdbx_model_type_details      ? 
_struct.pdbx_CASP_flag               N 
# 
_struct_keywords.entry_id        8ANK 
_struct_keywords.text            'amyloid, PROTEIN FIBRIL' 
_struct_keywords.pdbx_keywords   'PROTEIN FIBRIL' 
# 
loop_
_struct_asym.id 
_struct_asym.pdbx_blank_PDB_chainid_flag 
_struct_asym.pdbx_modified 
_struct_asym.entity_id 
_struct_asym.details 
A N N 1 ? 
B N N 2 ? 
# 
_struct_ref.id                         1 
_struct_ref.db_name                    PDB 
_struct_ref.db_code                    8ANK 
_struct_ref.pdbx_db_accession          8ANK 
_struct_ref.pdbx_db_isoform            ? 
_struct_ref.entity_id                  1 
_struct_ref.pdbx_seq_one_letter_code   ? 
_struct_ref.pdbx_align_begin           1 
# 
_struct_ref_seq.align_id                      1 
_struct_ref_seq.ref_id                        1 
_struct_ref_seq.pdbx_PDB_id_code              8ANK 
_struct_ref_seq.pdbx_strand_id                A 
_struct_ref_seq.seq_align_beg                 1 
_struct_ref_seq.pdbx_seq_align_beg_ins_code   ? 
_struct_ref_seq.seq_align_end                 6 
_struct_ref_seq.pdbx_seq_align_end_ins_code   ? 
_struct_ref_seq.pdbx_db_accession             8ANK 
_struct_ref_seq.db_align_beg                  1 
_struct_ref_seq.pdbx_db_align_beg_ins_code    ? 
_struct_ref_seq.db_align_end                  6 
_struct_ref_seq.pdbx_db_align_end_ins_code    ? 
_struct_ref_seq.pdbx_auth_seq_align_beg       1 
_struct_ref_seq.pdbx_auth_seq_align_end       6 
# 
_pdbx_struct_assembly.id                   1 
_pdbx_struct_assembly.details              author_and_software_defined_assembly 
_pdbx_struct_assembly.method_details       PISA 
_pdbx_struct_assembly.oligomeric_details   monomeric 
_pdbx_struct_assembly.oligomeric_count     1 
# 
loop_
_pdbx_struct_assembly_prop.biol_id 
_pdbx_struct_assembly_prop.type 
_pdbx_struct_assembly_prop.value 
_pdbx_struct_assembly_prop.details 
1 'ABSA (A^2)' 0    ? 
1 MORE         0    ? 
1 'SSA (A^2)'  1040 ? 
# 
_pdbx_struct_assembly_gen.assembly_id       1 
_pdbx_struct_assembly_gen.oper_expression   1 
_pdbx_struct_assembly_gen.asym_id_list      A,B 
# 
_pdbx_struct_assembly_auth_evidence.id                     1 
_pdbx_struct_assembly_auth_evidence.assembly_id            1 
_pdbx_struct_assembly_auth_evidence.experimental_support   none 
_pdbx_struct_assembly_auth_evidence.details                'ECD measurements confirmed amyloid formation' 
# 
_pdbx_struct_oper_list.id                   1 
_pdbx_struct_oper_list.type                 'identity operation' 
_pdbx_struct_oper_list.name                 1_555 
_pdbx_struct_oper_list.symmetry_operation   x,y,z 
_pdbx_struct_oper_list.matrix[1][1]         1.0000000000 
_pdbx_struct_oper_list.matrix[1][2]         0.0000000000 
_pdbx_struct_oper_list.matrix[1][3]         0.0000000000 
_pdbx_struct_oper_list.vector[1]            0.0000000000 
_pdbx_struct_oper_list.matrix[2][1]         0.0000000000 
_pdbx_struct_oper_list.matrix[2][2]         1.0000000000 
_pdbx_struct_oper_list.matrix[2][3]         0.0000000000 
_pdbx_struct_oper_list.vector[2]            0.0000000000 
_pdbx_struct_oper_list.matrix[3][1]         0.0000000000 
_pdbx_struct_oper_list.matrix[3][2]         0.0000000000 
_pdbx_struct_oper_list.matrix[3][3]         1.0000000000 
_pdbx_struct_oper_list.vector[3]            0.0000000000 
# 
_struct_conn.id                            covale1 
_struct_conn.conn_type_id                  covale 
_struct_conn.pdbx_leaving_atom_flag        both 
_struct_conn.pdbx_PDB_id                   ? 
_struct_conn.ptnr1_label_asym_id           A 
_struct_conn.ptnr1_label_comp_id           PCA 
_struct_conn.ptnr1_label_seq_id            1 
_struct_conn.ptnr1_label_atom_id           C 
_struct_conn.pdbx_ptnr1_label_alt_id       ? 
_struct_conn.pdbx_ptnr1_PDB_ins_code       ? 
_struct_conn.pdbx_ptnr1_standard_comp_id   ? 
_struct_conn.ptnr1_symmetry                1_555 
_struct_conn.ptnr2_label_asym_id           A 
_struct_conn.ptnr2_label_comp_id           PHE 
_struct_conn.ptnr2_label_seq_id            2 
_struct_conn.ptnr2_label_atom_id           N 
_struct_conn.pdbx_ptnr2_label_alt_id       ? 
_struct_conn.pdbx_ptnr2_PDB_ins_code       ? 
_struct_conn.ptnr1_auth_asym_id            A 
_struct_conn.ptnr1_auth_comp_id            PCA 
_struct_conn.ptnr1_auth_seq_id             1 
_struct_conn.ptnr2_auth_asym_id            A 
_struct_conn.ptnr2_auth_comp_id            PHE 
_struct_conn.ptnr2_auth_seq_id             2 
_struct_conn.ptnr2_symmetry                1_555 
_struct_conn.pdbx_ptnr3_label_atom_id      ? 
_struct_conn.pdbx_ptnr3_label_seq_id       ? 
_struct_conn.pdbx_ptnr3_label_comp_id      ? 
_struct_conn.pdbx_ptnr3_label_asym_id      ? 
_struct_conn.pdbx_ptnr3_label_alt_id       ? 
_struct_conn.pdbx_ptnr3_PDB_ins_code       ? 
_struct_conn.details                       ? 
_struct_conn.pdbx_dist_value               1.317 
_struct_conn.pdbx_value_order              ? 
_struct_conn.pdbx_role                     ? 
# 
_struct_conn_type.id          covale 
_struct_conn_type.criteria    ? 
_struct_conn_type.reference   ? 
# 
_pdbx_modification_feature.ordinal                            1 
_pdbx_modification_feature.label_comp_id                      PCA 
_pdbx_modification_feature.label_asym_id                      A 
_pdbx_modification_feature.label_seq_id                       1 
_pdbx_modification_feature.label_alt_id                       ? 
_pdbx_modification_feature.modified_residue_label_comp_id     . 
_pdbx_modification_feature.modified_residue_label_asym_id     . 
_pdbx_modification_feature.modified_residue_label_seq_id      . 
_pdbx_modification_feature.modified_residue_label_alt_id      . 
_pdbx_modification_feature.auth_comp_id                       PCA 
_pdbx_modification_feature.auth_asym_id                       A 
_pdbx_modification_feature.auth_seq_id                        1 
_pdbx_modification_feature.PDB_ins_code                       ? 
_pdbx_modification_feature.symmetry                           1_555 
_pdbx_modification_feature.modified_residue_auth_comp_id      . 
_pdbx_modification_feature.modified_residue_auth_asym_id      . 
_pdbx_modification_feature.modified_residue_auth_seq_id       . 
_pdbx_modification_feature.modified_residue_PDB_ins_code      . 
_pdbx_modification_feature.modified_residue_symmetry          . 
_pdbx_modification_feature.comp_id_linking_atom               . 
_pdbx_modification_feature.modified_residue_id_linking_atom   . 
_pdbx_modification_feature.modified_residue_id                GLN 
_pdbx_modification_feature.ref_pcm_id                         1 
_pdbx_modification_feature.ref_comp_id                        PCA 
_pdbx_modification_feature.type                               'Pyrrolidone carboxylic acid' 
_pdbx_modification_feature.category                           'Named protein modification' 
# 
_pdbx_entry_details.entry_id                   8ANK 
_pdbx_entry_details.has_ligand_of_interest     N 
_pdbx_entry_details.compound_details           ? 
_pdbx_entry_details.source_details             ? 
_pdbx_entry_details.nonpolymer_details         ? 
_pdbx_entry_details.sequence_details           ? 
_pdbx_entry_details.has_protein_modification   Y 
# 
_pdbx_struct_special_symmetry.id              1 
_pdbx_struct_special_symmetry.PDB_model_num   1 
_pdbx_struct_special_symmetry.auth_asym_id    A 
_pdbx_struct_special_symmetry.auth_comp_id    HOH 
_pdbx_struct_special_symmetry.auth_seq_id     102 
_pdbx_struct_special_symmetry.PDB_ins_code    ? 
_pdbx_struct_special_symmetry.label_asym_id   B 
_pdbx_struct_special_symmetry.label_comp_id   HOH 
_pdbx_struct_special_symmetry.label_seq_id    . 
# 
loop_
_space_group_symop.id 
_space_group_symop.operation_xyz 
1 x,y,z           
2 -x,y,-z         
3 x+1/2,y+1/2,z   
4 -x+1/2,y+1/2,-z 
# 
loop_
_chem_comp_atom.comp_id 
_chem_comp_atom.atom_id 
_chem_comp_atom.type_symbol 
_chem_comp_atom.pdbx_aromatic_flag 
_chem_comp_atom.pdbx_stereo_config 
_chem_comp_atom.pdbx_ordinal 
ALA N    N N N 1   
ALA CA   C N S 2   
ALA C    C N N 3   
ALA O    O N N 4   
ALA CB   C N N 5   
ALA OXT  O N N 6   
ALA H    H N N 7   
ALA H2   H N N 8   
ALA HA   H N N 9   
ALA HB1  H N N 10  
ALA HB2  H N N 11  
ALA HB3  H N N 12  
ALA HXT  H N N 13  
HOH O    O N N 14  
HOH H1   H N N 15  
HOH H2   H N N 16  
ILE N    N N N 17  
ILE CA   C N S 18  
ILE C    C N N 19  
ILE O    O N N 20  
ILE CB   C N S 21  
ILE CG1  C N N 22  
ILE CG2  C N N 23  
ILE CD1  C N N 24  
ILE OXT  O N N 25  
ILE H    H N N 26  
ILE H2   H N N 27  
ILE HA   H N N 28  
ILE HB   H N N 29  
ILE HG12 H N N 30  
ILE HG13 H N N 31  
ILE HG21 H N N 32  
ILE HG22 H N N 33  
ILE HG23 H N N 34  
ILE HD11 H N N 35  
ILE HD12 H N N 36  
ILE HD13 H N N 37  
ILE HXT  H N N 38  
LEU N    N N N 39  
LEU CA   C N S 40  
LEU C    C N N 41  
LEU O    O N N 42  
LEU CB   C N N 43  
LEU CG   C N N 44  
LEU CD1  C N N 45  
LEU CD2  C N N 46  
LEU OXT  O N N 47  
LEU H    H N N 48  
LEU H2   H N N 49  
LEU HA   H N N 50  
LEU HB2  H N N 51  
LEU HB3  H N N 52  
LEU HG   H N N 53  
LEU HD11 H N N 54  
LEU HD12 H N N 55  
LEU HD13 H N N 56  
LEU HD21 H N N 57  
LEU HD22 H N N 58  
LEU HD23 H N N 59  
LEU HXT  H N N 60  
PCA N    N N N 61  
PCA CA   C N S 62  
PCA CB   C N N 63  
PCA CG   C N N 64  
PCA CD   C N N 65  
PCA OE   O N N 66  
PCA C    C N N 67  
PCA O    O N N 68  
PCA OXT  O N N 69  
PCA H    H N N 70  
PCA HA   H N N 71  
PCA HB2  H N N 72  
PCA HB3  H N N 73  
PCA HG2  H N N 74  
PCA HG3  H N N 75  
PCA HXT  H N N 76  
PHE N    N N N 77  
PHE CA   C N S 78  
PHE C    C N N 79  
PHE O    O N N 80  
PHE CB   C N N 81  
PHE CG   C Y N 82  
PHE CD1  C Y N 83  
PHE CD2  C Y N 84  
PHE CE1  C Y N 85  
PHE CE2  C Y N 86  
PHE CZ   C Y N 87  
PHE OXT  O N N 88  
PHE H    H N N 89  
PHE H2   H N N 90  
PHE HA   H N N 91  
PHE HB2  H N N 92  
PHE HB3  H N N 93  
PHE HD1  H N N 94  
PHE HD2  H N N 95  
PHE HE1  H N N 96  
PHE HE2  H N N 97  
PHE HZ   H N N 98  
PHE HXT  H N N 99  
TRP N    N N N 100 
TRP CA   C N S 101 
TRP C    C N N 102 
TRP O    O N N 103 
TRP CB   C N N 104 
TRP CG   C Y N 105 
TRP CD1  C Y N 106 
TRP CD2  C Y N 107 
TRP NE1  N Y N 108 
TRP CE2  C Y N 109 
TRP CE3  C Y N 110 
TRP CZ2  C Y N 111 
TRP CZ3  C Y N 112 
TRP CH2  C Y N 113 
TRP OXT  O N N 114 
TRP H    H N N 115 
TRP H2   H N N 116 
TRP HA   H N N 117 
TRP HB2  H N N 118 
TRP HB3  H N N 119 
TRP HD1  H N N 120 
TRP HE1  H N N 121 
TRP HE3  H N N 122 
TRP HZ2  H N N 123 
TRP HZ3  H N N 124 
TRP HH2  H N N 125 
TRP HXT  H N N 126 
# 
loop_
_chem_comp_bond.comp_id 
_chem_comp_bond.atom_id_1 
_chem_comp_bond.atom_id_2 
_chem_comp_bond.value_order 
_chem_comp_bond.pdbx_aromatic_flag 
_chem_comp_bond.pdbx_stereo_config 
_chem_comp_bond.pdbx_ordinal 
ALA N   CA   sing N N 1   
ALA N   H    sing N N 2   
ALA N   H2   sing N N 3   
ALA CA  C    sing N N 4   
ALA CA  CB   sing N N 5   
ALA CA  HA   sing N N 6   
ALA C   O    doub N N 7   
ALA C   OXT  sing N N 8   
ALA CB  HB1  sing N N 9   
ALA CB  HB2  sing N N 10  
ALA CB  HB3  sing N N 11  
ALA OXT HXT  sing N N 12  
HOH O   H1   sing N N 13  
HOH O   H2   sing N N 14  
ILE N   CA   sing N N 15  
ILE N   H    sing N N 16  
ILE N   H2   sing N N 17  
ILE CA  C    sing N N 18  
ILE CA  CB   sing N N 19  
ILE CA  HA   sing N N 20  
ILE C   O    doub N N 21  
ILE C   OXT  sing N N 22  
ILE CB  CG1  sing N N 23  
ILE CB  CG2  sing N N 24  
ILE CB  HB   sing N N 25  
ILE CG1 CD1  sing N N 26  
ILE CG1 HG12 sing N N 27  
ILE CG1 HG13 sing N N 28  
ILE CG2 HG21 sing N N 29  
ILE CG2 HG22 sing N N 30  
ILE CG2 HG23 sing N N 31  
ILE CD1 HD11 sing N N 32  
ILE CD1 HD12 sing N N 33  
ILE CD1 HD13 sing N N 34  
ILE OXT HXT  sing N N 35  
LEU N   CA   sing N N 36  
LEU N   H    sing N N 37  
LEU N   H2   sing N N 38  
LEU CA  C    sing N N 39  
LEU CA  CB   sing N N 40  
LEU CA  HA   sing N N 41  
LEU C   O    doub N N 42  
LEU C   OXT  sing N N 43  
LEU CB  CG   sing N N 44  
LEU CB  HB2  sing N N 45  
LEU CB  HB3  sing N N 46  
LEU CG  CD1  sing N N 47  
LEU CG  CD2  sing N N 48  
LEU CG  HG   sing N N 49  
LEU CD1 HD11 sing N N 50  
LEU CD1 HD12 sing N N 51  
LEU CD1 HD13 sing N N 52  
LEU CD2 HD21 sing N N 53  
LEU CD2 HD22 sing N N 54  
LEU CD2 HD23 sing N N 55  
LEU OXT HXT  sing N N 56  
PCA N   CA   sing N N 57  
PCA N   CD   sing N N 58  
PCA N   H    sing N N 59  
PCA CA  CB   sing N N 60  
PCA CA  C    sing N N 61  
PCA CA  HA   sing N N 62  
PCA CB  CG   sing N N 63  
PCA CB  HB2  sing N N 64  
PCA CB  HB3  sing N N 65  
PCA CG  CD   sing N N 66  
PCA CG  HG2  sing N N 67  
PCA CG  HG3  sing N N 68  
PCA CD  OE   doub N N 69  
PCA C   O    doub N N 70  
PCA C   OXT  sing N N 71  
PCA OXT HXT  sing N N 72  
PHE N   CA   sing N N 73  
PHE N   H    sing N N 74  
PHE N   H2   sing N N 75  
PHE CA  C    sing N N 76  
PHE CA  CB   sing N N 77  
PHE CA  HA   sing N N 78  
PHE C   O    doub N N 79  
PHE C   OXT  sing N N 80  
PHE CB  CG   sing N N 81  
PHE CB  HB2  sing N N 82  
PHE CB  HB3  sing N N 83  
PHE CG  CD1  doub Y N 84  
PHE CG  CD2  sing Y N 85  
PHE CD1 CE1  sing Y N 86  
PHE CD1 HD1  sing N N 87  
PHE CD2 CE2  doub Y N 88  
PHE CD2 HD2  sing N N 89  
PHE CE1 CZ   doub Y N 90  
PHE CE1 HE1  sing N N 91  
PHE CE2 CZ   sing Y N 92  
PHE CE2 HE2  sing N N 93  
PHE CZ  HZ   sing N N 94  
PHE OXT HXT  sing N N 95  
TRP N   CA   sing N N 96  
TRP N   H    sing N N 97  
TRP N   H2   sing N N 98  
TRP CA  C    sing N N 99  
TRP CA  CB   sing N N 100 
TRP CA  HA   sing N N 101 
TRP C   O    doub N N 102 
TRP C   OXT  sing N N 103 
TRP CB  CG   sing N N 104 
TRP CB  HB2  sing N N 105 
TRP CB  HB3  sing N N 106 
TRP CG  CD1  doub Y N 107 
TRP CG  CD2  sing Y N 108 
TRP CD1 NE1  sing Y N 109 
TRP CD1 HD1  sing N N 110 
TRP CD2 CE2  doub Y N 111 
TRP CD2 CE3  sing Y N 112 
TRP NE1 CE2  sing Y N 113 
TRP NE1 HE1  sing N N 114 
TRP CE2 CZ2  sing Y N 115 
TRP CE3 CZ3  doub Y N 116 
TRP CE3 HE3  sing N N 117 
TRP CZ2 CH2  doub Y N 118 
TRP CZ2 HZ2  sing N N 119 
TRP CZ3 CH2  sing Y N 120 
TRP CZ3 HZ3  sing N N 121 
TRP CH2 HH2  sing N N 122 
TRP OXT HXT  sing N N 123 
# 
loop_
_pdbx_audit_support.funding_organization 
_pdbx_audit_support.country 
_pdbx_audit_support.grant_number 
_pdbx_audit_support.ordinal 
'Hungarian National Research, Development and Innovation Office' Hungary          2018-1.2.1-NKP-2018-00005 1 
'European Regional Development Fund'                             'European Union' 
'VEKOP-2.3.2-16-2017-00014, VEKOP-2.3.3-15-2017-00018' 2 
'Hungarian National Research, Development and Innovation Office' Hungary          'Thematic Excellence Program Synth+' 3 
# 
_space_group.name_H-M_alt     'C 1 2 1' 
_space_group.name_Hall        'C 2y' 
_space_group.IT_number        5 
_space_group.crystal_system   monoclinic 
_space_group.id               1 
# 
_atom_sites.entry_id                    8ANK 
_atom_sites.Cartn_transf_matrix[1][1]   ? 
_atom_sites.Cartn_transf_matrix[1][2]   ? 
_atom_sites.Cartn_transf_matrix[1][3]   ? 
_atom_sites.Cartn_transf_matrix[2][1]   ? 
_atom_sites.Cartn_transf_matrix[2][2]   ? 
_atom_sites.Cartn_transf_matrix[2][3]   ? 
_atom_sites.Cartn_transf_matrix[3][1]   ? 
_atom_sites.Cartn_transf_matrix[3][2]   ? 
_atom_sites.Cartn_transf_matrix[3][3]   ? 
_atom_sites.Cartn_transf_vector[1]      ? 
_atom_sites.Cartn_transf_vector[2]      ? 
_atom_sites.Cartn_transf_vector[3]      ? 
_atom_sites.fract_transf_matrix[1][1]   0.03516421 
_atom_sites.fract_transf_matrix[1][2]   -0.02381189 
_atom_sites.fract_transf_matrix[1][3]   0.02309439 
_atom_sites.fract_transf_matrix[2][1]   -0.01357712 
_atom_sites.fract_transf_matrix[2][2]   -0.08195878 
_atom_sites.fract_transf_matrix[2][3]   -0.06383216 
_atom_sites.fract_transf_matrix[3][1]   0.03164243 
_atom_sites.fract_transf_matrix[3][2]   0.01597213 
_atom_sites.fract_transf_matrix[3][3]   -0.02723814 
_atom_sites.fract_transf_vector[1]      0.251135 
_atom_sites.fract_transf_vector[2]      0.014771 
_atom_sites.fract_transf_vector[3]      0.014400 
_atom_sites.solution_primary            ? 
_atom_sites.solution_secondary          ? 
_atom_sites.solution_hydrogens          ? 
_atom_sites.special_details             ? 
# 
loop_
_atom_type.symbol 
_atom_type.scat_dispersion_real 
_atom_type.scat_dispersion_imag 
_atom_type.scat_Cromer_Mann_a1 
_atom_type.scat_Cromer_Mann_a2 
_atom_type.scat_Cromer_Mann_a3 
_atom_type.scat_Cromer_Mann_a4 
_atom_type.scat_Cromer_Mann_b1 
_atom_type.scat_Cromer_Mann_b2 
_atom_type.scat_Cromer_Mann_b3 
_atom_type.scat_Cromer_Mann_b4 
_atom_type.scat_Cromer_Mann_c 
_atom_type.scat_source 
_atom_type.scat_dispersion_source 
C ? ? 3.54356 2.42580 ? ? 25.62398 1.50364 ? ? 0.0 
;2-Gaussian fit: Grosse-Kunstleve RW, Sauter NK, Adams PD: Newsletter of the IUCr Commission on Crystallographic Computing 2004, 3, 22-31.
;
? 
H ? ? 0.51345 0.48472 ? ? 24.73122 6.32584 ? ? 0.0 
;2-Gaussian fit: Grosse-Kunstleve RW, Sauter NK, Adams PD: Newsletter of the IUCr Commission on Crystallographic Computing 2004, 3, 22-31.
;
? 
N ? ? 4.01032 2.96436 ? ? 19.97189 1.75589 ? ? 0.0 
;2-Gaussian fit: Grosse-Kunstleve RW, Sauter NK, Adams PD: Newsletter of the IUCr Commission on Crystallographic Computing 2004, 3, 22-31.
;
? 
O ? ? 4.49882 3.47563 ? ? 15.80542 1.70748 ? ? 0.0 
;2-Gaussian fit: Grosse-Kunstleve RW, Sauter NK, Adams PD: Newsletter of the IUCr Commission on Crystallographic Computing 2004, 3, 22-31.
;
? 
# 
loop_
_atom_site.group_PDB 
_atom_site.id 
_atom_site.type_symbol 
_atom_site.label_atom_id 
_atom_site.label_alt_id 
_atom_site.label_comp_id 
_atom_site.label_asym_id 
_atom_site.label_entity_id 
_atom_site.label_seq_id 
_atom_site.pdbx_PDB_ins_code 
_atom_site.Cartn_x 
_atom_site.Cartn_y 
_atom_site.Cartn_z 
_atom_site.occupancy 
_atom_site.B_iso_or_equiv 
_atom_site.pdbx_formal_charge 
_atom_site.auth_seq_id 
_atom_site.auth_comp_id 
_atom_site.auth_asym_id 
_atom_site.auth_atom_id 
_atom_site.pdbx_PDB_model_num 
HETATM 1   N N    . PCA A 1 1 ? -5.18567 -4.81780 6.19712  1.000 4.48738  ? 1   PCA A N    1 
HETATM 2   C CA   . PCA A 1 1 ? -4.49837 -3.56296 5.86025  1.000 4.29525  ? 1   PCA A CA   1 
HETATM 3   C CB   . PCA A 1 1 ? -3.07567 -3.69138 6.37862  1.000 4.99533  ? 1   PCA A CB   1 
HETATM 4   C CG   . PCA A 1 1 ? -3.15649 -4.67064 7.53939  1.000 5.24010  ? 1   PCA A CG   1 
HETATM 5   C CD   . PCA A 1 1 ? -4.39825 -5.44951 7.20467  1.000 5.07956  ? 1   PCA A CD   1 
HETATM 6   O OE   . PCA A 1 1 ? -4.71681 -6.51193 7.72946  1.000 5.71384  ? 1   PCA A OE   1 
HETATM 7   C C    . PCA A 1 1 ? -4.45069 -3.29875 4.37308  1.000 4.00574  ? 1   PCA A C    1 
HETATM 8   O O    . PCA A 1 1 ? -4.54204 -4.19933 3.53514  1.000 4.20313  ? 1   PCA A O    1 
HETATM 9   H HA   . PCA A 1 1 ? -4.96669 -2.81024 6.27796  1.000 5.15430  ? 1   PCA A HA   1 
HETATM 10  H HB2  . PCA A 1 1 ? -2.48459 -4.02171 5.67016  1.000 5.99440  ? 1   PCA A HB2  1 
HETATM 11  H HB3  . PCA A 1 1 ? -2.73956 -2.81757 6.66826  1.000 5.99440  ? 1   PCA A HB3  1 
HETATM 12  H HG2  . PCA A 1 1 ? -2.36152 -5.24232 7.57967  1.000 6.28812  ? 1   PCA A HG2  1 
HETATM 13  H HG3  . PCA A 1 1 ? -3.23423 -4.20200 8.39656  1.000 6.28812  ? 1   PCA A HG3  1 
ATOM   14  N N    . PHE A 1 2 ? -4.32190 -2.02476 4.06431  1.000 3.97942  ? 2   PHE A N    1 
ATOM   15  C CA   . PHE A 1 2 ? -4.10991 -1.49816 2.71901  1.000 3.74782  ? 2   PHE A CA   1 
ATOM   16  C C    . PHE A 1 2 ? -2.69776 -0.94305 2.68307  1.000 2.71349  ? 2   PHE A C    1 
ATOM   17  O O    . PHE A 1 2 ? -2.37632 -0.07840 3.48769  1.000 3.92152  ? 2   PHE A O    1 
ATOM   18  C CB   . PHE A 1 2 ? -5.10596 -0.38431 2.38704  1.000 4.29526  ? 2   PHE A CB   1 
ATOM   19  C CG   . PHE A 1 2 ? -4.96646 0.14282  0.99856  1.000 6.62975  ? 2   PHE A CG   1 
ATOM   20  C CD1  . PHE A 1 2 ? -5.16266 -0.67997 -0.06349 1.000 7.68250  ? 2   PHE A CD1  1 
ATOM   21  C CD2  . PHE A 1 2 ? -4.67709 1.44571  0.77807  1.000 9.02740  ? 2   PHE A CD2  1 
ATOM   22  C CE1  . PHE A 1 2 ? -5.06603 -0.22987 -1.35281 1.000 9.92750  ? 2   PHE A CE1  1 
ATOM   23  C CE2  . PHE A 1 2 ? -4.59538 1.93960  -0.53729 1.000 10.69864 ? 2   PHE A CE2  1 
ATOM   24  C CZ   . PHE A 1 2 ? -4.79119 1.07629  -1.58176 1.000 10.55916 ? 2   PHE A CZ   1 
ATOM   25  H H    . PHE A 1 2 ? -4.35471 -1.39671 4.65087  1.000 4.77531  ? 2   PHE A H    1 
ATOM   26  H HA   . PHE A 1 2 ? -4.24038 -2.19015 2.05191  1.000 4.49738  ? 2   PHE A HA   1 
ATOM   27  H HB2  . PHE A 1 2 ? -6.00677 -0.73065 2.48445  1.000 5.15431  ? 2   PHE A HB2  1 
ATOM   28  H HB3  . PHE A 1 2 ? -4.96615 0.35378  3.00070  1.000 5.15431  ? 2   PHE A HB3  1 
ATOM   29  H HD1  . PHE A 1 2 ? -5.36838 -1.57401 0.08911  1.000 9.21901  ? 2   PHE A HD1  1 
ATOM   30  H HD2  . PHE A 1 2 ? -4.53173 2.01665  1.49765  1.000 10.83288 ? 2   PHE A HD2  1 
ATOM   31  H HE1  . PHE A 1 2 ? -5.18799 -0.81564 -2.06479 1.000 11.91300 ? 2   PHE A HE1  1 
ATOM   32  H HE2  . PHE A 1 2 ? -4.41142 2.83759  -0.69441 1.000 12.83837 ? 2   PHE A HE2  1 
ATOM   33  H HZ   . PHE A 1 2 ? -4.73497 1.38944  -2.45565 1.000 12.67099 ? 2   PHE A HZ   1 
ATOM   34  N N    . ILE A 1 3 ? -1.89262 -1.41219 1.75006  1.000 2.86614  ? 3   ILE A N    1 
ATOM   35  C CA   . ILE A 1 3 ? -0.50510 -0.99742 1.63611  1.000 3.17933  ? 3   ILE A CA   1 
ATOM   36  C C    . ILE A 1 3 ? -0.20662 -0.70214 0.18633  1.000 2.40030  ? 3   ILE A C    1 
ATOM   37  O O    . ILE A 1 3 ? -0.51242 -1.51663 -0.67626 1.000 3.28460  ? 3   ILE A O    1 
ATOM   38  C CB   . ILE A 1 3 ? 0.44893  -2.08046 2.17892  1.000 4.91639  ? 3   ILE A CB   1 
ATOM   39  C CG1  . ILE A 1 3 ? 0.10022  -2.43464 3.60500  1.000 6.73239  ? 3   ILE A CG1  1 
ATOM   40  C CG2  . ILE A 1 3 ? 1.88336  -1.59144 2.03549  1.000 7.28508  ? 3   ILE A CG2  1 
ATOM   41  C CD1  . ILE A 1 3 ? 0.69589  -3.74212 4.06848  1.000 8.05096  ? 3   ILE A CD1  1 
ATOM   42  H H    . ILE A 1 3 ? -2.13116 -1.98619 1.15573  1.000 3.43936  ? 3   ILE A H    1 
ATOM   43  H HA   . ILE A 1 3 ? -0.36848 -0.18048 2.14093  1.000 3.81519  ? 3   ILE A HA   1 
ATOM   44  H HB   . ILE A 1 3 ? 0.35026  -2.89574 1.66270  1.000 5.89966  ? 3   ILE A HB   1 
ATOM   45  H HG12 . ILE A 1 3 ? 0.43020  -1.73480 4.19002  1.000 8.07886  ? 3   ILE A HG12 1 
ATOM   46  H HG13 . ILE A 1 3 ? -0.86416 -2.50443 3.68239  1.000 8.07886  ? 3   ILE A HG13 1 
ATOM   47  H HG21 . ILE A 1 3 ? 2.46117  -2.14140 2.58738  1.000 8.74209  ? 3   ILE A HG21 1 
ATOM   48  H HG22 . ILE A 1 3 ? 2.14949  -1.66181 1.10537  1.000 8.74209  ? 3   ILE A HG22 1 
ATOM   49  H HG23 . ILE A 1 3 ? 1.93216  -0.66678 2.32446  1.000 8.74209  ? 3   ILE A HG23 1 
ATOM   50  H HD11 . ILE A 1 3 ? 1.66266  -3.66350 4.07644  1.000 9.66115  ? 3   ILE A HD11 1 
ATOM   51  H HD12 . ILE A 1 3 ? 0.37253  -3.93738 4.96191  1.000 9.66115  ? 3   ILE A HD12 1 
ATOM   52  H HD13 . ILE A 1 3 ? 0.42628  -4.44601 3.45794  1.000 9.66115  ? 3   ILE A HD13 1 
ATOM   53  N N    . ALA A 1 4 ? 0.44583  0.40454  -0.09025 1.000 2.94246  ? 4   ALA A N    1 
ATOM   54  C CA   . ALA A 1 4 ? 0.82925  0.76499  -1.44250 1.000 3.77413  ? 4   ALA A CA   1 
ATOM   55  C C    . ALA A 1 4 ? 2.20156  1.41133  -1.44227 1.000 2.66349  ? 4   ALA A C    1 
ATOM   56  O O    . ALA A 1 4 ? 2.50672  2.26997  -0.61370 1.000 3.81098  ? 4   ALA A O    1 
ATOM   57  C CB   . ALA A 1 4 ? -0.20146 1.70845  -2.09505 1.000 5.33485  ? 4   ALA A CB   1 
ATOM   58  H H    . ALA A 1 4 ? 0.68600  0.98084  0.50119  1.000 3.53095  ? 4   ALA A H    1 
ATOM   59  H HA   . ALA A 1 4 ? 0.88450  -0.04149 -1.97864 1.000 4.52896  ? 4   ALA A HA   1 
ATOM   60  H HB1  . ALA A 1 4 ? -1.06363 1.26473  -2.12109 1.000 6.40182  ? 4   ALA A HB1  1 
ATOM   61  H HB2  . ALA A 1 4 ? -0.26337 2.52097  -1.56884 1.000 6.40182  ? 4   ALA A HB2  1 
ATOM   62  H HB3  . ALA A 1 4 ? 0.08942  1.91925  -2.99607 1.000 6.40182  ? 4   ALA A HB3  1 
ATOM   63  N N    . TRP A 1 5 ? 2.98821  1.03443  -2.43860 1.000 3.45304  ? 5   TRP A N    1 
ATOM   64  C CA   . TRP A 1 5 ? 4.25449  1.68237  -2.76949 1.000 3.16354  ? 5   TRP A CA   1 
ATOM   65  C C    . TRP A 1 5 ? 4.22211  1.97627  -4.25315 1.000 3.08985  ? 5   TRP A C    1 
ATOM   66  O O    . TRP A 1 5 ? 4.17356  1.05098  -5.06151 1.000 3.38461  ? 5   TRP A O    1 
ATOM   67  C CB   . TRP A 1 5 ? 5.46937  0.79435  -2.46445 1.000 3.67676  ? 5   TRP A CB   1 
ATOM   68  C CG   . TRP A 1 5 ? 6.74922  1.34106  -2.98560 1.000 4.05312  ? 5   TRP A CG   1 
ATOM   69  C CD1  . TRP A 1 5 ? 7.42736  0.90872  -4.08123 1.000 5.72437  ? 5   TRP A CD1  1 
ATOM   70  C CD2  . TRP A 1 5 ? 7.48406  2.46416  -2.49185 1.000 5.06377  ? 5   TRP A CD2  1 
ATOM   71  N NE1  . TRP A 1 5 ? 8.54480  1.65203  -4.28789 1.000 5.96387  ? 5   TRP A NE1  1 
ATOM   72  C CE2  . TRP A 1 5 ? 8.62383  2.61169  -3.31912 1.000 5.95335  ? 5   TRP A CE2  1 
ATOM   73  C CE3  . TRP A 1 5 ? 7.30610  3.36011  -1.42667 1.000 5.51908  ? 5   TRP A CE3  1 
ATOM   74  C CZ2  . TRP A 1 5 ? 9.57508  3.60875  -3.11713 1.000 6.10336  ? 5   TRP A CZ2  1 
ATOM   75  C CZ3  . TRP A 1 5 ? 8.24419  4.35614  -1.22935 1.000 7.66670  ? 5   TRP A CZ3  1 
ATOM   76  C CH2  . TRP A 1 5 ? 9.38701  4.46257  -2.06679 1.000 7.39825  ? 5   TRP A CH2  1 
ATOM   77  H H    . TRP A 1 5 ? 2.80472  0.37727  -2.96211 1.000 4.14365  ? 5   TRP A H    1 
ATOM   78  H HA   . TRP A 1 5 ? 4.34131  2.49697  -2.25009 1.000 3.79625  ? 5   TRP A HA   1 
ATOM   79  H HB2  . TRP A 1 5 ? 5.55564  0.70176  -1.50274 1.000 4.41211  ? 5   TRP A HB2  1 
ATOM   80  H HB3  . TRP A 1 5 ? 5.33081  -0.07564 -2.87041 1.000 4.41211  ? 5   TRP A HB3  1 
ATOM   81  H HD1  . TRP A 1 5 ? 7.16123  0.19773  -4.61842 1.000 6.86924  ? 5   TRP A HD1  1 
ATOM   82  H HE1  . TRP A 1 5 ? 9.11077  1.53722  -4.92515 1.000 7.15665  ? 5   TRP A HE1  1 
ATOM   83  H HE3  . TRP A 1 5 ? 6.56995  3.28514  -0.86333 1.000 6.62290  ? 5   TRP A HE3  1 
ATOM   84  H HZ2  . TRP A 1 5 ? 10.31268 3.69064  -3.67761 1.000 7.32404  ? 5   TRP A HZ2  1 
ATOM   85  H HZ3  . TRP A 1 5 ? 8.12536  4.96618  -0.53752 1.000 9.20004  ? 5   TRP A HZ3  1 
ATOM   86  H HH2  . TRP A 1 5 ? 10.01782 5.12457  -1.89728 1.000 8.87790  ? 5   TRP A HH2  1 
ATOM   87  N N    . LEU A 1 6 ? 4.22107  3.23689  -4.61608 1.000 3.38725  ? 6   LEU A N    1 
ATOM   88  C CA   . LEU A 1 6 ? 4.02964  3.61118  -6.00338 1.000 4.72162  ? 6   LEU A CA   1 
ATOM   89  C C    . LEU A 1 6 ? 5.31437  3.57101  -6.82523 1.000 5.64015  ? 6   LEU A C    1 
ATOM   90  O O    . LEU A 1 6 ? 6.40860  3.92066  -6.34635 1.000 7.66670  ? 6   LEU A O    1 
ATOM   91  C CB   . LEU A 1 6 ? 3.32861  4.96469  -6.10180 1.000 4.66371  ? 6   LEU A CB   1 
ATOM   92  C CG   . LEU A 1 6 ? 1.97769  5.05012  -5.33620 1.000 4.80584  ? 6   LEU A CG   1 
ATOM   93  C CD1  . LEU A 1 6 ? 1.37165  6.39776  -5.53603 1.000 5.59014  ? 6   LEU A CD1  1 
ATOM   94  C CD2  . LEU A 1 6 ? 1.02444  3.95322  -5.69746 1.000 5.49539  ? 6   LEU A CD2  1 
ATOM   95  O OXT  . LEU A 1 6 ? 5.21600  3.11415  -8.01050 1.000 5.49539  ? 6   LEU A OXT  1 
ATOM   96  H H    . LEU A 1 6 ? 4.32922  3.90008  -4.07935 1.000 4.06470  ? 6   LEU A H    1 
ATOM   97  H HA   . LEU A 1 6 ? 3.44997  2.95131  -6.41504 1.000 5.66594  ? 6   LEU A HA   1 
ATOM   98  H HB2  . LEU A 1 6 ? 3.91678  5.64357  -5.73562 1.000 5.59646  ? 6   LEU A HB2  1 
ATOM   99  H HB3  . LEU A 1 6 ? 3.14838  5.15100  -7.03652 1.000 5.59646  ? 6   LEU A HB3  1 
ATOM   100 H HG   . LEU A 1 6 ? 2.15691  4.92471  -4.39119 1.000 5.76701  ? 6   LEU A HG   1 
ATOM   101 H HD11 . LEU A 1 6 ? 0.52885  6.43912  -5.05762 1.000 6.70817  ? 6   LEU A HD11 1 
ATOM   102 H HD12 . LEU A 1 6 ? 1.97977  7.07144  -5.19362 1.000 6.70817  ? 6   LEU A HD12 1 
ATOM   103 H HD13 . LEU A 1 6 ? 1.22125  6.53901  -6.48384 1.000 6.70817  ? 6   LEU A HD13 1 
ATOM   104 H HD21 . LEU A 1 6 ? 0.16541  4.13251  -5.28418 1.000 6.59447  ? 6   LEU A HD21 1 
ATOM   105 H HD22 . LEU A 1 6 ? 0.92771  3.92389  -6.66218 1.000 6.59447  ? 6   LEU A HD22 1 
ATOM   106 H HD23 . LEU A 1 6 ? 1.37714  3.10926  -5.37458 1.000 6.59447  ? 6   LEU A HD23 1 
HETATM 107 O O    . HOH B 2 . ? 7.15478  5.33865  -4.28150 1.000 5.96000  ? 101 HOH A O    1 
HETATM 108 O O    . HOH B 2 . ? -4.57022 -9.35204 8.09217  0.50  12.09000 ? 102 HOH A O    1 
# 
loop_
_atom_site_anisotrop.id 
_atom_site_anisotrop.type_symbol 
_atom_site_anisotrop.pdbx_label_atom_id 
_atom_site_anisotrop.pdbx_label_alt_id 
_atom_site_anisotrop.pdbx_label_comp_id 
_atom_site_anisotrop.pdbx_label_asym_id 
_atom_site_anisotrop.pdbx_label_seq_id 
_atom_site_anisotrop.pdbx_PDB_ins_code 
_atom_site_anisotrop.U[1][1] 
_atom_site_anisotrop.U[2][2] 
_atom_site_anisotrop.U[3][3] 
_atom_site_anisotrop.U[1][2] 
_atom_site_anisotrop.U[1][3] 
_atom_site_anisotrop.U[2][3] 
_atom_site_anisotrop.pdbx_auth_seq_id 
_atom_site_anisotrop.pdbx_auth_comp_id 
_atom_site_anisotrop.pdbx_auth_asym_id 
_atom_site_anisotrop.pdbx_auth_atom_id 
1  N N   . PCA A 1 ? 0.07223 0.04475 0.05352 0.00903  0.01063  0.00590  1 PCA A N   
2  C CA  . PCA A 1 ? 0.05679 0.05849 0.04792 -0.00785 -0.00899 -0.00506 1 PCA A CA  
3  C CB  . PCA A 1 ? 0.06651 0.06462 0.05867 -0.00983 -0.00644 0.00469  1 PCA A CB  
4  C CG  . PCA A 1 ? 0.07266 0.05631 0.07013 -0.00633 0.00108  0.01217  1 PCA A CG  
5  C CD  . PCA A 1 ? 0.07046 0.04450 0.07804 0.00702  0.01748  0.00695  1 PCA A CD  
6  O OE  . PCA A 1 ? 0.08144 0.06127 0.07439 0.01001  0.01989  -0.00194 1 PCA A OE  
7  C C   . PCA A 1 ? 0.06889 0.04889 0.03442 0.00267  -0.00506 -0.00493 1 PCA A C   
8  O O   . PCA A 1 ? 0.08195 0.04473 0.03302 -0.00265 -0.01163 0.00028  1 PCA A O   
14 N N   . PHE A 2 ? 0.07042 0.06099 0.01979 0.00329  -0.00362 -0.00822 2 PHE A N   
15 C CA  . PHE A 2 ? 0.06417 0.05117 0.02707 0.00474  0.00273  -0.01063 2 PHE A CA  
16 C C   . PHE A 2 ? 0.04525 0.03151 0.02635 -0.00286 -0.00424 -0.01634 2 PHE A C   
17 O O   . PHE A 2 ? 0.05788 0.03857 0.05255 -0.00062 0.00846  -0.01625 2 PHE A O   
18 C CB  . PHE A 2 ? 0.05428 0.06985 0.03907 0.00813  0.00200  -0.00045 2 PHE A CB  
19 C CG  . PHE A 2 ? 0.07694 0.08362 0.09134 0.02177  0.02541  0.01983  2 PHE A CG  
20 C CD1 . PHE A 2 ? 0.08930 0.10564 0.09696 0.02619  0.03116  0.02824  2 PHE A CD1 
21 C CD2 . PHE A 2 ? 0.10739 0.13143 0.10417 0.01807  0.03133  0.04131  2 PHE A CD2 
22 C CE1 . PHE A 2 ? 0.11472 0.14311 0.11936 0.03352  0.04014  0.03812  2 PHE A CE1 
23 C CE2 . PHE A 2 ? 0.13867 0.15016 0.11767 0.01427  0.03039  0.05476  2 PHE A CE2 
24 C CZ  . PHE A 2 ? 0.13669 0.15057 0.11394 0.02573  0.03936  0.05185  2 PHE A CZ  
34 N N   . ILE A 3 ? 0.02795 0.04863 0.03232 0.00385  -0.00762 -0.00819 3 ILE A N   
35 C CA  . ILE A 3 ? 0.02894 0.04453 0.04733 0.00250  -0.00946 -0.01198 3 ILE A CA  
36 C C   . ILE A 3 ? 0.02623 0.02677 0.03820 -0.00569 -0.00303 -0.01613 3 ILE A C   
37 O O   . ILE A 3 ? 0.04282 0.03074 0.05124 -0.00557 0.00753  -0.02158 3 ILE A O   
38 C CB  . ILE A 3 ? 0.03639 0.07087 0.07954 0.02422  -0.00910 0.00830  3 ILE A CB  
39 C CG1 . ILE A 3 ? 0.05368 0.08527 0.11686 0.01871  -0.01305 0.03511  3 ILE A CG1 
40 C CG2 . ILE A 3 ? 0.04752 0.11944 0.10984 0.02065  -0.00928 0.03279  3 ILE A CG2 
41 C CD1 . ILE A 3 ? 0.06089 0.10447 0.14053 0.01814  -0.01320 0.04729  3 ILE A CD1 
53 N N   . ALA A 4 ? 0.03447 0.05104 0.02628 -0.00328 0.00018  -0.01944 4 ALA A N   
54 C CA  . ALA A 4 ? 0.04883 0.06972 0.02485 -0.00324 -0.00165 -0.01153 4 ALA A CA  
55 C C   . ALA A 4 ? 0.04395 0.03102 0.02623 0.00199  0.00085  -0.01678 4 ALA A C   
56 O O   . ALA A 4 ? 0.06089 0.03261 0.05129 -0.00559 0.00529  -0.01324 4 ALA A O   
57 C CB  . ALA A 4 ? 0.06979 0.09632 0.03659 0.00239  0.00598  0.00920  4 ALA A CB  
63 N N   . TRP A 5 ? 0.05315 0.04153 0.03652 -0.01232 0.00506  -0.00920 5 TRP A N   
64 C CA  . TRP A 5 ? 0.04923 0.03459 0.03638 -0.01865 -0.00526 -0.01035 5 TRP A CA  
65 C C   . TRP A 5 ? 0.04848 0.03760 0.03132 -0.01474 -0.00908 -0.01125 5 TRP A C   
66 O O   . TRP A 5 ? 0.06367 0.03562 0.02931 -0.01043 -0.00185 -0.01388 5 TRP A O   
67 C CB  . TRP A 5 ? 0.05847 0.05261 0.02861 -0.00185 -0.00743 -0.00688 5 TRP A CB  
68 C CG  . TRP A 5 ? 0.05465 0.05288 0.04647 -0.00079 -0.00351 -0.01030 5 TRP A CG  
69 C CD1 . TRP A 5 ? 0.05718 0.08135 0.07896 -0.01365 -0.00593 0.00613  5 TRP A CD1 
70 C CD2 . TRP A 5 ? 0.05614 0.07575 0.06052 -0.00411 0.00105  -0.00440 5 TRP A CD2 
71 N NE1 . TRP A 5 ? 0.07095 0.07047 0.08517 -0.00245 0.01739  0.00557  5 TRP A NE1 
72 C CE2 . TRP A 5 ? 0.06694 0.07895 0.08030 -0.00764 0.00848  0.00772  5 TRP A CE2 
73 C CE3 . TRP A 5 ? 0.06179 0.07366 0.07426 -0.03484 -0.00862 -0.00908 5 TRP A CE3 
74 C CZ2 . TRP A 5 ? 0.06841 0.08041 0.08308 -0.02635 0.00087  0.00000  5 TRP A CZ2 
75 C CZ3 . TRP A 5 ? 0.07505 0.12386 0.09239 -0.03630 -0.00384 0.01302  5 TRP A CZ3 
76 C CH2 . TRP A 5 ? 0.07497 0.11003 0.09610 -0.04693 -0.00805 0.01606  5 TRP A CH2 
87 N N   . LEU A 6 ? 0.05555 0.04761 0.02554 -0.00294 -0.00600 -0.01794 6 LEU A N   
88 C CA  . LEU A 6 ? 0.07051 0.06185 0.04704 -0.01408 -0.01623 -0.01110 6 LEU A CA  
89 C C   . LEU A 6 ? 0.06946 0.09197 0.05288 -0.02615 -0.02573 -0.00472 6 LEU A C   
90 O O   . LEU A 6 ? 0.07992 0.13769 0.07368 -0.04069 -0.03179 0.02026  6 LEU A O   
91 C CB  . LEU A 6 ? 0.07932 0.04508 0.05281 -0.00025 -0.01281 -0.02313 6 LEU A CB  
92 C CG  . LEU A 6 ? 0.05879 0.04892 0.07489 0.00746  -0.02077 -0.01768 6 LEU A CG  
93 C CD1 . LEU A 6 ? 0.05117 0.06516 0.09607 0.00791  -0.02606 -0.00617 6 LEU A CD1 
94 C CD2 . LEU A 6 ? 0.06813 0.05934 0.08133 0.02161  -0.01321 -0.00634 6 LEU A CD2 
95 O OXT . LEU A 6 ? 0.07612 0.08843 0.04425 -0.01437 -0.02174 -0.01895 6 LEU A OXT 
# 
